data_8TUT
#
_entry.id   8TUT
#
_cell.length_a   78.795
_cell.length_b   89.735
_cell.length_c   99.526
_cell.angle_alpha   90.000
_cell.angle_beta   90.000
_cell.angle_gamma   90.000
#
_symmetry.space_group_name_H-M   'P 21 21 21'
#
loop_
_entity.id
_entity.type
_entity.pdbx_description
1 polymer 'Importin subunit alpha-1'
2 polymer PRO-PRO-LYS-PRO-LYS-LYS-ASN-ARG-GLU
#
loop_
_entity_poly.entity_id
_entity_poly.type
_entity_poly.pdbx_seq_one_letter_code
_entity_poly.pdbx_strand_id
1 'polypeptide(L)'
;MHHHHHHSSGLVPRGSGMLETAAALFERNHMDSPDLGTDDDDLAMADIGSNQGTVNWSVEDIVKGINSNNLESQLQATQA
ARKLLSREKQPPIDNIIRAGLIPKFVSFLGKTDCSPIQFESAWALTNIASGTSEQTKAVVDGGAIPAFISLLASPHAHIS
EQAVWALGNIAGDGSAFRDLVIKHGAIDPLLALLAVPDLSTLACGYLRNLTWTLSNLCRNKNPAPPLDAVEQILPTLVRL
LHHNDPEVLADSCWAISYLTDGPNERIEMVVKKGVVPQLVKLLGATELPIVTPALRAIGNIVTGTDEQTQKVIDAGALAV
FPSLLTNPKTNIQKEATWTMSNITAGRQDQIQQVVNHGLVPFLVGVLSKADFKTQKEAAWAITNYTSGGTVEQIVYLVHC
GIIEPLMNLLSAKDTKIIQVILDAISNIFQAAEKLGETEKLSIMIEECGGLDKIEALQRHENESVYKASLNLIEKYFSVE
EEEDQNVVPETTSEGFAFQVQDGAPGTFNF
;
A
2 'polypeptide(L)' PPKPKKNRE B
#
# COMPACT_ATOMS: atom_id res chain seq x y z
N GLY A 53 26.13 33.57 -2.62
CA GLY A 53 27.51 33.38 -2.99
C GLY A 53 27.74 32.10 -3.79
N THR A 54 26.87 31.11 -3.57
CA THR A 54 26.93 29.83 -4.27
C THR A 54 25.64 29.55 -5.01
N VAL A 55 24.92 30.59 -5.40
CA VAL A 55 23.59 30.46 -6.01
C VAL A 55 23.71 30.69 -7.51
N ASN A 56 23.19 29.73 -8.30
CA ASN A 56 23.14 29.84 -9.76
C ASN A 56 24.53 29.66 -10.37
N TRP A 57 25.34 28.79 -9.77
CA TRP A 57 26.64 28.45 -10.32
C TRP A 57 26.47 27.62 -11.60
N SER A 58 27.52 27.61 -12.40
CA SER A 58 27.60 26.70 -13.55
C SER A 58 28.21 25.38 -13.11
N VAL A 59 27.89 24.32 -13.85
CA VAL A 59 28.48 23.02 -13.54
C VAL A 59 29.99 23.07 -13.73
N GLU A 60 30.46 23.86 -14.70
CA GLU A 60 31.90 23.99 -14.91
C GLU A 60 32.57 24.66 -13.73
N ASP A 61 31.95 25.69 -13.17
CA ASP A 61 32.49 26.33 -11.97
C ASP A 61 32.52 25.34 -10.80
N ILE A 62 31.44 24.56 -10.65
CA ILE A 62 31.40 23.56 -9.59
C ILE A 62 32.54 22.57 -9.76
N VAL A 63 32.82 22.16 -11.00
CA VAL A 63 33.90 21.22 -11.24
C VAL A 63 35.24 21.85 -10.91
N LYS A 64 35.43 23.12 -11.30
CA LYS A 64 36.69 23.79 -10.99
C LYS A 64 36.89 23.87 -9.48
N GLY A 65 35.83 24.16 -8.73
CA GLY A 65 35.95 24.24 -7.29
C GLY A 65 36.23 22.90 -6.64
N ILE A 66 35.53 21.86 -7.08
CA ILE A 66 35.71 20.54 -6.47
C ILE A 66 37.06 19.95 -6.85
N ASN A 67 37.59 20.30 -8.02
CA ASN A 67 38.89 19.81 -8.47
C ASN A 67 40.06 20.62 -7.92
N SER A 68 39.79 21.76 -7.27
CA SER A 68 40.84 22.44 -6.54
C SER A 68 41.29 21.59 -5.36
N ASN A 69 42.46 21.92 -4.82
CA ASN A 69 43.01 21.24 -3.65
C ASN A 69 42.76 22.03 -2.38
N ASN A 70 41.62 22.71 -2.31
CA ASN A 70 41.27 23.60 -1.21
C ASN A 70 39.95 23.15 -0.64
N LEU A 71 39.97 22.64 0.59
CA LEU A 71 38.76 22.06 1.17
C LEU A 71 37.63 23.07 1.23
N GLU A 72 37.94 24.35 1.48
CA GLU A 72 36.90 25.36 1.56
C GLU A 72 36.31 25.67 0.18
N SER A 73 37.16 25.74 -0.84
CA SER A 73 36.66 25.89 -2.20
C SER A 73 35.78 24.72 -2.59
N GLN A 74 36.21 23.50 -2.23
CA GLN A 74 35.39 22.32 -2.47
C GLN A 74 34.06 22.42 -1.74
N LEU A 75 34.07 22.93 -0.51
CA LEU A 75 32.83 23.08 0.25
C LEU A 75 31.88 24.04 -0.44
N GLN A 76 32.40 25.18 -0.89
CA GLN A 76 31.54 26.15 -1.57
C GLN A 76 31.01 25.59 -2.88
N ALA A 77 31.84 24.85 -3.63
CA ALA A 77 31.37 24.25 -4.87
C ALA A 77 30.31 23.18 -4.59
N THR A 78 30.47 22.41 -3.51
CA THR A 78 29.49 21.39 -3.17
C THR A 78 28.17 22.03 -2.74
N GLN A 79 28.23 23.12 -1.99
CA GLN A 79 27.02 23.84 -1.64
C GLN A 79 26.34 24.39 -2.89
N ALA A 80 27.15 24.90 -3.83
CA ALA A 80 26.59 25.34 -5.11
C ALA A 80 25.88 24.20 -5.83
N ALA A 81 26.51 23.03 -5.87
CA ALA A 81 25.89 21.87 -6.50
C ALA A 81 24.59 21.50 -5.81
N ARG A 82 24.60 21.47 -4.48
CA ARG A 82 23.38 21.17 -3.73
C ARG A 82 22.27 22.14 -4.08
N LYS A 83 22.58 23.44 -4.08
CA LYS A 83 21.57 24.44 -4.38
C LYS A 83 21.06 24.29 -5.82
N LEU A 84 21.94 23.89 -6.73
CA LEU A 84 21.51 23.66 -8.11
C LEU A 84 20.60 22.44 -8.21
N LEU A 85 20.84 21.43 -7.38
CA LEU A 85 20.03 20.21 -7.38
C LEU A 85 18.79 20.30 -6.50
N SER A 86 18.64 21.37 -5.73
CA SER A 86 17.55 21.48 -4.77
C SER A 86 16.60 22.62 -5.06
N ARG A 87 16.77 23.34 -6.16
CA ARG A 87 15.97 24.54 -6.42
C ARG A 87 15.54 24.65 -7.88
N GLU A 88 16.46 24.38 -8.81
CA GLU A 88 16.12 24.47 -10.22
C GLU A 88 14.85 23.68 -10.52
N LYS A 89 13.94 24.32 -11.26
CA LYS A 89 12.66 23.69 -11.56
C LYS A 89 12.85 22.27 -12.08
N GLN A 90 13.81 22.08 -12.99
CA GLN A 90 14.25 20.77 -13.45
C GLN A 90 15.73 20.66 -13.14
N PRO A 91 16.09 20.06 -12.00
CA PRO A 91 17.51 20.05 -11.60
C PRO A 91 18.34 19.34 -12.64
N PRO A 92 19.60 19.78 -12.83
CA PRO A 92 20.47 19.18 -13.87
C PRO A 92 21.22 17.95 -13.37
N ILE A 93 20.48 16.93 -12.95
CA ILE A 93 21.11 15.74 -12.40
C ILE A 93 22.01 15.09 -13.42
N ASP A 94 21.55 14.99 -14.68
CA ASP A 94 22.32 14.27 -15.69
C ASP A 94 23.65 14.96 -15.96
N ASN A 95 23.67 16.29 -15.97
CA ASN A 95 24.92 16.99 -16.19
C ASN A 95 25.86 16.84 -15.00
N ILE A 96 25.32 16.87 -13.78
CA ILE A 96 26.15 16.65 -12.60
C ILE A 96 26.80 15.28 -12.66
N ILE A 97 26.02 14.25 -13.03
CA ILE A 97 26.58 12.90 -13.14
C ILE A 97 27.63 12.87 -14.23
N ARG A 98 27.33 13.45 -15.40
CA ARG A 98 28.26 13.41 -16.52
C ARG A 98 29.60 14.06 -16.16
N ALA A 99 29.59 15.07 -15.31
CA ALA A 99 30.82 15.75 -14.91
C ALA A 99 31.70 14.89 -14.00
N GLY A 100 31.22 13.73 -13.56
CA GLY A 100 32.01 12.87 -12.70
C GLY A 100 32.09 13.32 -11.25
N LEU A 101 31.05 13.99 -10.76
CA LEU A 101 31.09 14.57 -9.42
C LEU A 101 30.63 13.60 -8.32
N ILE A 102 29.96 12.51 -8.68
CA ILE A 102 29.43 11.60 -7.66
C ILE A 102 30.55 10.99 -6.82
N PRO A 103 31.64 10.47 -7.40
CA PRO A 103 32.71 9.92 -6.55
C PRO A 103 33.28 10.95 -5.59
N LYS A 104 33.40 12.20 -6.03
CA LYS A 104 33.93 13.25 -5.16
C LYS A 104 32.99 13.53 -4.00
N PHE A 105 31.68 13.62 -4.27
CA PHE A 105 30.71 13.79 -3.19
C PHE A 105 30.77 12.63 -2.21
N VAL A 106 30.89 11.40 -2.75
CA VAL A 106 30.97 10.23 -1.87
C VAL A 106 32.20 10.32 -0.98
N SER A 107 33.32 10.77 -1.53
CA SER A 107 34.53 10.93 -0.72
C SER A 107 34.32 12.00 0.34
N PHE A 108 33.65 13.10 -0.02
CA PHE A 108 33.38 14.15 0.96
C PHE A 108 32.51 13.63 2.11
N LEU A 109 31.67 12.64 1.84
CA LEU A 109 30.87 12.07 2.92
C LEU A 109 31.74 11.59 4.08
N GLY A 110 32.98 11.18 3.80
CA GLY A 110 33.87 10.64 4.80
C GLY A 110 34.76 11.64 5.50
N LYS A 111 34.55 12.94 5.30
CA LYS A 111 35.40 13.97 5.90
C LYS A 111 34.80 14.36 7.25
N THR A 112 35.15 13.57 8.26
CA THR A 112 34.61 13.78 9.61
C THR A 112 34.94 15.17 10.14
N ASP A 113 36.10 15.71 9.78
CA ASP A 113 36.53 17.00 10.32
C ASP A 113 35.84 18.19 9.67
N CYS A 114 35.13 17.97 8.56
CA CYS A 114 34.39 19.03 7.87
C CYS A 114 32.94 18.57 7.73
N SER A 115 32.20 18.63 8.84
CA SER A 115 30.79 18.27 8.82
C SER A 115 29.99 19.05 7.78
N PRO A 116 30.30 20.32 7.48
CA PRO A 116 29.51 21.01 6.45
C PRO A 116 29.58 20.35 5.09
N ILE A 117 30.77 19.92 4.65
CA ILE A 117 30.86 19.28 3.34
C ILE A 117 30.19 17.92 3.37
N GLN A 118 30.25 17.22 4.51
CA GLN A 118 29.46 16.00 4.68
C GLN A 118 27.99 16.29 4.41
N PHE A 119 27.44 17.32 5.04
CA PHE A 119 26.03 17.63 4.90
C PHE A 119 25.68 18.01 3.46
N GLU A 120 26.50 18.87 2.85
CA GLU A 120 26.17 19.34 1.49
C GLU A 120 26.27 18.19 0.48
N SER A 121 27.31 17.36 0.59
CA SER A 121 27.43 16.22 -0.32
CA SER A 121 27.43 16.22 -0.31
C SER A 121 26.31 15.22 -0.10
N ALA A 122 25.92 15.00 1.16
CA ALA A 122 24.81 14.10 1.44
C ALA A 122 23.52 14.61 0.81
N TRP A 123 23.26 15.91 0.93
CA TRP A 123 22.07 16.50 0.32
C TRP A 123 22.10 16.37 -1.19
N ALA A 124 23.23 16.70 -1.81
CA ALA A 124 23.34 16.60 -3.26
C ALA A 124 23.13 15.18 -3.74
N LEU A 125 23.76 14.21 -3.06
CA LEU A 125 23.61 12.81 -3.46
C LEU A 125 22.18 12.33 -3.22
N THR A 126 21.56 12.77 -2.13
CA THR A 126 20.16 12.46 -1.87
C THR A 126 19.30 12.90 -3.05
N ASN A 127 19.55 14.11 -3.56
CA ASN A 127 18.73 14.62 -4.65
C ASN A 127 19.04 13.93 -5.97
N ILE A 128 20.29 13.50 -6.17
CA ILE A 128 20.60 12.70 -7.35
C ILE A 128 19.94 11.33 -7.25
N ALA A 129 20.02 10.70 -6.07
CA ALA A 129 19.41 9.40 -5.86
C ALA A 129 17.89 9.43 -5.87
N SER A 130 17.29 10.62 -5.88
CA SER A 130 15.84 10.75 -5.90
C SER A 130 15.26 10.72 -7.31
N GLY A 131 16.09 10.60 -8.33
CA GLY A 131 15.65 10.66 -9.72
C GLY A 131 15.41 9.29 -10.30
N THR A 132 15.84 9.11 -11.55
CA THR A 132 15.61 7.87 -12.27
C THR A 132 16.36 6.72 -11.61
N SER A 133 16.00 5.50 -12.02
CA SER A 133 16.75 4.33 -11.55
C SER A 133 18.21 4.41 -11.98
N GLU A 134 18.49 5.02 -13.15
CA GLU A 134 19.87 5.13 -13.61
C GLU A 134 20.66 6.11 -12.74
N GLN A 135 20.02 7.19 -12.29
CA GLN A 135 20.72 8.16 -11.45
C GLN A 135 20.96 7.60 -10.05
N THR A 136 19.96 6.91 -9.48
CA THR A 136 20.19 6.21 -8.22
C THR A 136 21.30 5.17 -8.38
N LYS A 137 21.33 4.49 -9.52
CA LYS A 137 22.40 3.53 -9.77
C LYS A 137 23.75 4.22 -9.83
N ALA A 138 23.78 5.44 -10.39
CA ALA A 138 25.03 6.21 -10.40
C ALA A 138 25.49 6.49 -8.98
N VAL A 139 24.56 6.86 -8.09
CA VAL A 139 24.93 7.11 -6.70
C VAL A 139 25.47 5.84 -6.05
N VAL A 140 24.78 4.71 -6.27
CA VAL A 140 25.20 3.46 -5.65
C VAL A 140 26.57 3.03 -6.17
N ASP A 141 26.81 3.19 -7.47
CA ASP A 141 28.06 2.78 -8.08
C ASP A 141 29.25 3.57 -7.55
N GLY A 142 29.01 4.78 -7.03
CA GLY A 142 30.06 5.55 -6.41
C GLY A 142 30.48 5.09 -5.04
N GLY A 143 29.83 4.06 -4.49
CA GLY A 143 30.13 3.59 -3.16
C GLY A 143 29.41 4.32 -2.06
N ALA A 144 28.22 4.85 -2.34
CA ALA A 144 27.56 5.75 -1.41
C ALA A 144 26.84 5.02 -0.28
N ILE A 145 26.45 3.77 -0.48
CA ILE A 145 25.66 3.04 0.52
C ILE A 145 26.47 2.91 1.80
N PRO A 146 27.67 2.31 1.78
CA PRO A 146 28.44 2.19 3.03
C PRO A 146 28.78 3.53 3.64
N ALA A 147 29.03 4.55 2.82
CA ALA A 147 29.36 5.87 3.36
C ALA A 147 28.19 6.46 4.13
N PHE A 148 26.99 6.37 3.56
CA PHE A 148 25.80 6.88 4.26
C PHE A 148 25.53 6.07 5.52
N ILE A 149 25.76 4.75 5.47
CA ILE A 149 25.55 3.94 6.66
C ILE A 149 26.52 4.36 7.75
N SER A 150 27.77 4.64 7.38
CA SER A 150 28.73 5.16 8.36
C SER A 150 28.26 6.50 8.90
N LEU A 151 27.66 7.32 8.04
CA LEU A 151 27.23 8.66 8.46
C LEU A 151 26.02 8.61 9.37
N LEU A 152 25.26 7.51 9.37
CA LEU A 152 24.14 7.40 10.29
C LEU A 152 24.54 7.62 11.75
N ALA A 153 25.82 7.39 12.09
CA ALA A 153 26.30 7.55 13.45
C ALA A 153 26.88 8.94 13.71
N SER A 154 26.62 9.90 12.84
CA SER A 154 27.21 11.22 13.00
C SER A 154 26.69 11.87 14.28
N PRO A 155 27.53 12.65 14.97
CA PRO A 155 27.04 13.42 16.12
C PRO A 155 26.08 14.52 15.73
N HIS A 156 26.00 14.87 14.46
CA HIS A 156 25.15 15.95 13.96
C HIS A 156 23.85 15.36 13.43
N ALA A 157 22.73 15.80 13.99
CA ALA A 157 21.45 15.18 13.66
C ALA A 157 21.00 15.52 12.23
N HIS A 158 21.36 16.71 11.72
CA HIS A 158 20.97 17.02 10.35
C HIS A 158 21.70 16.11 9.35
N ILE A 159 22.96 15.80 9.62
CA ILE A 159 23.72 14.91 8.74
C ILE A 159 23.19 13.49 8.84
N SER A 160 22.91 13.01 10.06
CA SER A 160 22.33 11.68 10.20
CA SER A 160 22.32 11.69 10.21
C SER A 160 20.98 11.59 9.50
N GLU A 161 20.16 12.63 9.62
CA GLU A 161 18.87 12.65 8.94
C GLU A 161 19.05 12.60 7.43
N GLN A 162 20.03 13.36 6.90
CA GLN A 162 20.25 13.35 5.46
C GLN A 162 20.72 11.97 4.99
N ALA A 163 21.52 11.29 5.81
CA ALA A 163 21.93 9.93 5.45
C ALA A 163 20.72 8.99 5.42
N VAL A 164 19.86 9.09 6.44
CA VAL A 164 18.63 8.30 6.46
C VAL A 164 17.82 8.55 5.18
N TRP A 165 17.70 9.82 4.79
CA TRP A 165 16.95 10.19 3.59
C TRP A 165 17.55 9.55 2.35
N ALA A 166 18.87 9.68 2.19
CA ALA A 166 19.54 9.12 1.02
C ALA A 166 19.33 7.62 0.93
N LEU A 167 19.48 6.93 2.06
CA LEU A 167 19.27 5.49 2.07
C LEU A 167 17.81 5.15 1.76
N GLY A 168 16.88 5.98 2.23
CA GLY A 168 15.49 5.78 1.88
C GLY A 168 15.26 5.82 0.38
N ASN A 169 15.84 6.80 -0.30
CA ASN A 169 15.72 6.88 -1.75
C ASN A 169 16.33 5.64 -2.41
N ILE A 170 17.57 5.30 -2.02
CA ILE A 170 18.26 4.16 -2.62
C ILE A 170 17.42 2.91 -2.50
N ALA A 171 16.91 2.63 -1.30
CA ALA A 171 16.07 1.45 -1.10
C ALA A 171 14.74 1.58 -1.83
N GLY A 172 14.25 2.81 -2.02
CA GLY A 172 13.02 3.02 -2.74
C GLY A 172 13.13 2.77 -4.23
N ASP A 173 14.35 2.68 -4.77
CA ASP A 173 14.48 2.31 -6.17
C ASP A 173 13.81 0.96 -6.45
N GLY A 174 14.02 -0.02 -5.59
CA GLY A 174 13.47 -1.34 -5.83
C GLY A 174 14.07 -2.39 -4.91
N SER A 175 13.74 -3.64 -5.19
CA SER A 175 14.08 -4.73 -4.28
C SER A 175 15.58 -4.99 -4.25
N ALA A 176 16.26 -4.85 -5.39
CA ALA A 176 17.70 -5.15 -5.42
C ALA A 176 18.48 -4.17 -4.56
N PHE A 177 18.26 -2.86 -4.75
CA PHE A 177 18.96 -1.87 -3.95
C PHE A 177 18.50 -1.90 -2.50
N ARG A 178 17.23 -2.23 -2.25
CA ARG A 178 16.76 -2.42 -0.88
C ARG A 178 17.55 -3.53 -0.19
N ASP A 179 17.65 -4.69 -0.85
CA ASP A 179 18.41 -5.81 -0.30
C ASP A 179 19.88 -5.49 -0.17
N LEU A 180 20.42 -4.64 -1.06
CA LEU A 180 21.82 -4.26 -0.95
C LEU A 180 22.05 -3.35 0.24
N VAL A 181 21.15 -2.39 0.46
CA VAL A 181 21.23 -1.55 1.65
C VAL A 181 21.15 -2.42 2.90
N ILE A 182 20.32 -3.47 2.87
CA ILE A 182 20.22 -4.35 4.03
C ILE A 182 21.50 -5.15 4.22
N LYS A 183 22.10 -5.62 3.12
CA LYS A 183 23.33 -6.40 3.22
C LYS A 183 24.48 -5.56 3.75
N HIS A 184 24.52 -4.27 3.42
CA HIS A 184 25.55 -3.39 3.97
C HIS A 184 25.32 -3.08 5.45
N GLY A 185 24.20 -3.52 6.02
CA GLY A 185 23.98 -3.43 7.46
C GLY A 185 23.40 -2.12 7.94
N ALA A 186 22.35 -1.63 7.26
CA ALA A 186 21.75 -0.36 7.62
C ALA A 186 20.71 -0.47 8.72
N ILE A 187 20.08 -1.63 8.86
CA ILE A 187 18.94 -1.77 9.77
C ILE A 187 19.36 -1.54 11.21
N ASP A 188 20.49 -2.13 11.62
CA ASP A 188 20.95 -1.95 13.00
C ASP A 188 21.12 -0.49 13.35
N PRO A 189 21.95 0.29 12.66
CA PRO A 189 22.05 1.73 12.99
C PRO A 189 20.74 2.50 12.86
N LEU A 190 19.97 2.24 11.81
CA LEU A 190 18.70 2.95 11.66
C LEU A 190 17.82 2.75 12.88
N LEU A 191 17.69 1.50 13.33
CA LEU A 191 16.87 1.22 14.51
C LEU A 191 17.50 1.76 15.78
N ALA A 192 18.84 1.79 15.85
CA ALA A 192 19.50 2.41 16.98
C ALA A 192 19.11 3.87 17.11
N LEU A 193 18.87 4.54 15.97
CA LEU A 193 18.46 5.94 16.03
C LEU A 193 17.10 6.13 16.69
N LEU A 194 16.27 5.10 16.74
CA LEU A 194 14.97 5.17 17.40
C LEU A 194 14.97 4.52 18.78
N ALA A 195 16.11 4.03 19.25
CA ALA A 195 16.20 3.37 20.56
C ALA A 195 16.19 4.44 21.65
N VAL A 196 15.02 5.05 21.83
CA VAL A 196 14.80 6.05 22.87
C VAL A 196 13.61 5.61 23.71
N PRO A 197 13.52 6.00 24.98
CA PRO A 197 12.35 5.60 25.78
C PRO A 197 11.04 6.18 25.28
N ASP A 198 11.06 7.39 24.71
CA ASP A 198 9.85 8.05 24.23
C ASP A 198 10.15 8.71 22.90
N LEU A 199 9.43 8.31 21.85
CA LEU A 199 9.64 8.86 20.51
C LEU A 199 9.31 10.35 20.46
N SER A 200 8.53 10.86 21.41
CA SER A 200 8.15 12.27 21.37
C SER A 200 9.33 13.19 21.61
N THR A 201 10.44 12.69 22.17
CA THR A 201 11.63 13.50 22.39
C THR A 201 12.42 13.73 21.11
N LEU A 202 12.10 13.03 20.03
CA LEU A 202 12.79 13.19 18.76
C LEU A 202 12.08 14.24 17.91
N ALA A 203 12.87 14.92 17.06
CA ALA A 203 12.31 15.94 16.20
C ALA A 203 11.32 15.33 15.21
N CYS A 204 10.24 16.08 14.94
CA CYS A 204 9.18 15.55 14.09
C CYS A 204 9.71 15.12 12.72
N GLY A 205 10.48 16.00 12.07
CA GLY A 205 11.00 15.67 10.75
C GLY A 205 11.98 14.51 10.78
N TYR A 206 12.83 14.46 11.81
CA TYR A 206 13.74 13.34 11.99
C TYR A 206 12.97 12.02 12.03
N LEU A 207 11.97 11.94 12.92
CA LEU A 207 11.20 10.70 13.06
C LEU A 207 10.43 10.38 11.79
N ARG A 208 9.90 11.39 11.12
CA ARG A 208 9.16 11.16 9.88
C ARG A 208 10.07 10.56 8.81
N ASN A 209 11.29 11.10 8.66
CA ASN A 209 12.20 10.56 7.67
C ASN A 209 12.63 9.14 8.03
N LEU A 210 12.92 8.90 9.30
CA LEU A 210 13.28 7.54 9.71
C LEU A 210 12.15 6.56 9.40
N THR A 211 10.91 6.94 9.72
CA THR A 211 9.77 6.07 9.47
C THR A 211 9.60 5.80 7.98
N TRP A 212 9.71 6.83 7.15
CA TRP A 212 9.55 6.64 5.71
C TRP A 212 10.64 5.73 5.15
N THR A 213 11.88 5.92 5.59
CA THR A 213 12.96 5.07 5.11
C THR A 213 12.75 3.61 5.53
N LEU A 214 12.35 3.40 6.78
CA LEU A 214 12.04 2.03 7.21
C LEU A 214 10.91 1.44 6.38
N SER A 215 9.89 2.25 6.07
CA SER A 215 8.79 1.76 5.25
C SER A 215 9.28 1.36 3.87
N ASN A 216 10.28 2.07 3.34
CA ASN A 216 10.84 1.67 2.05
C ASN A 216 11.65 0.39 2.16
N LEU A 217 12.30 0.15 3.31
CA LEU A 217 12.98 -1.12 3.50
C LEU A 217 12.01 -2.29 3.62
N CYS A 218 10.71 -2.03 3.79
CA CYS A 218 9.69 -3.06 3.83
C CYS A 218 8.93 -3.18 2.51
N ARG A 219 9.29 -2.40 1.51
CA ARG A 219 8.50 -2.21 0.30
C ARG A 219 8.98 -3.14 -0.81
N ASN A 220 8.13 -3.29 -1.84
CA ASN A 220 8.42 -4.11 -3.01
C ASN A 220 8.43 -5.59 -2.66
N LYS A 221 8.11 -6.45 -3.63
CA LYS A 221 7.77 -7.84 -3.29
C LYS A 221 8.29 -8.87 -4.30
N ASN A 222 9.22 -8.52 -5.17
CA ASN A 222 9.80 -9.48 -6.12
C ASN A 222 11.29 -9.23 -6.25
N PRO A 223 12.10 -9.79 -5.34
CA PRO A 223 11.71 -10.58 -4.15
C PRO A 223 11.15 -9.72 -3.02
N ALA A 224 10.55 -10.36 -2.02
CA ALA A 224 10.08 -9.66 -0.83
C ALA A 224 11.24 -9.42 0.13
N PRO A 225 11.06 -8.56 1.12
CA PRO A 225 12.17 -8.25 2.03
C PRO A 225 12.63 -9.51 2.75
N PRO A 226 13.91 -9.59 3.09
CA PRO A 226 14.41 -10.77 3.81
C PRO A 226 13.68 -10.95 5.14
N LEU A 227 13.32 -12.21 5.43
CA LEU A 227 12.51 -12.49 6.62
C LEU A 227 13.19 -12.03 7.90
N ASP A 228 14.51 -12.22 7.99
CA ASP A 228 15.22 -11.77 9.20
C ASP A 228 15.12 -10.26 9.34
N ALA A 229 15.22 -9.54 8.22
CA ALA A 229 15.09 -8.08 8.27
C ALA A 229 13.69 -7.67 8.74
N VAL A 230 12.66 -8.37 8.26
CA VAL A 230 11.29 -8.07 8.70
C VAL A 230 11.14 -8.32 10.19
N GLU A 231 11.67 -9.46 10.66
CA GLU A 231 11.58 -9.75 12.10
C GLU A 231 12.34 -8.72 12.92
N GLN A 232 13.44 -8.18 12.38
CA GLN A 232 14.24 -7.19 13.09
C GLN A 232 13.58 -5.82 13.09
N ILE A 233 12.79 -5.52 12.06
CA ILE A 233 12.18 -4.19 11.94
C ILE A 233 10.80 -4.12 12.60
N LEU A 234 10.08 -5.23 12.66
CA LEU A 234 8.67 -5.17 13.04
C LEU A 234 8.43 -4.54 14.41
N PRO A 235 9.17 -4.88 15.47
CA PRO A 235 8.90 -4.28 16.78
C PRO A 235 8.91 -2.75 16.75
N THR A 236 9.93 -2.17 16.14
CA THR A 236 9.99 -0.72 15.99
C THR A 236 8.80 -0.21 15.17
N LEU A 237 8.35 -1.00 14.20
CA LEU A 237 7.19 -0.56 13.41
C LEU A 237 5.93 -0.52 14.25
N VAL A 238 5.73 -1.50 15.13
CA VAL A 238 4.59 -1.45 16.04
C VAL A 238 4.69 -0.20 16.91
N ARG A 239 5.86 0.03 17.48
CA ARG A 239 6.04 1.21 18.33
C ARG A 239 5.68 2.49 17.57
N LEU A 240 6.10 2.57 16.30
CA LEU A 240 5.74 3.74 15.49
C LEU A 240 4.25 3.77 15.19
N LEU A 241 3.62 2.60 15.05
CA LEU A 241 2.19 2.52 14.82
C LEU A 241 1.40 3.05 16.00
N HIS A 242 2.01 3.10 17.19
CA HIS A 242 1.35 3.70 18.34
C HIS A 242 1.79 5.14 18.62
N HIS A 243 2.44 5.79 17.66
CA HIS A 243 2.83 7.19 17.79
C HIS A 243 1.69 8.10 17.35
N ASN A 244 1.73 9.36 17.82
CA ASN A 244 0.61 10.27 17.61
C ASN A 244 0.73 11.12 16.35
N ASP A 245 1.92 11.24 15.76
CA ASP A 245 2.06 12.05 14.56
C ASP A 245 1.36 11.36 13.38
N PRO A 246 0.47 12.05 12.67
CA PRO A 246 -0.27 11.37 11.59
C PRO A 246 0.61 10.90 10.44
N GLU A 247 1.72 11.60 10.15
CA GLU A 247 2.60 11.15 9.08
C GLU A 247 3.34 9.88 9.46
N VAL A 248 3.82 9.80 10.70
CA VAL A 248 4.43 8.57 11.19
C VAL A 248 3.44 7.43 11.13
N LEU A 249 2.20 7.69 11.55
CA LEU A 249 1.18 6.65 11.54
C LEU A 249 0.89 6.18 10.12
N ALA A 250 0.78 7.12 9.17
CA ALA A 250 0.49 6.75 7.79
C ALA A 250 1.62 5.92 7.20
N ASP A 251 2.87 6.35 7.40
CA ASP A 251 4.00 5.62 6.83
C ASP A 251 4.14 4.24 7.47
N SER A 252 3.90 4.14 8.78
CA SER A 252 3.99 2.84 9.44
CA SER A 252 3.99 2.83 9.45
C SER A 252 2.88 1.91 8.98
N CYS A 253 1.67 2.44 8.77
CA CYS A 253 0.58 1.62 8.25
C CYS A 253 0.89 1.18 6.83
N TRP A 254 1.55 2.03 6.05
CA TRP A 254 1.96 1.63 4.70
C TRP A 254 3.02 0.54 4.76
N ALA A 255 3.94 0.62 5.71
CA ALA A 255 4.92 -0.45 5.88
C ALA A 255 4.23 -1.76 6.23
N ILE A 256 3.25 -1.71 7.14
CA ILE A 256 2.51 -2.92 7.50
C ILE A 256 1.77 -3.46 6.28
N SER A 257 1.20 -2.57 5.47
CA SER A 257 0.48 -3.02 4.27
C SER A 257 1.44 -3.66 3.27
N TYR A 258 2.67 -3.14 3.18
CA TYR A 258 3.68 -3.81 2.38
C TYR A 258 3.92 -5.23 2.89
N LEU A 259 4.16 -5.35 4.20
CA LEU A 259 4.52 -6.64 4.77
C LEU A 259 3.37 -7.64 4.76
N THR A 260 2.13 -7.17 4.70
CA THR A 260 0.98 -8.07 4.66
C THR A 260 0.58 -8.47 3.24
N ASP A 261 1.19 -7.86 2.22
CA ASP A 261 0.87 -8.16 0.83
C ASP A 261 1.75 -9.33 0.40
N GLY A 262 1.19 -10.54 0.45
CA GLY A 262 1.92 -11.71 0.03
C GLY A 262 1.43 -12.98 0.70
N PRO A 263 2.34 -13.94 0.91
CA PRO A 263 1.92 -15.24 1.44
C PRO A 263 1.45 -15.15 2.88
N ASN A 264 0.70 -16.17 3.29
CA ASN A 264 0.06 -16.17 4.60
C ASN A 264 1.07 -16.20 5.75
N GLU A 265 2.30 -16.64 5.49
CA GLU A 265 3.31 -16.66 6.55
C GLU A 265 3.75 -15.24 6.92
N ARG A 266 3.90 -14.37 5.93
CA ARG A 266 4.20 -12.96 6.21
C ARG A 266 3.07 -12.33 7.02
N ILE A 267 1.83 -12.54 6.57
CA ILE A 267 0.67 -12.07 7.32
C ILE A 267 0.73 -12.59 8.74
N GLU A 268 1.16 -13.84 8.92
CA GLU A 268 1.22 -14.42 10.26
C GLU A 268 2.25 -13.69 11.11
N MET A 269 3.40 -13.33 10.54
CA MET A 269 4.35 -12.51 11.29
C MET A 269 3.65 -11.27 11.84
N VAL A 270 3.05 -10.49 10.93
CA VAL A 270 2.46 -9.22 11.34
C VAL A 270 1.37 -9.45 12.38
N VAL A 271 0.50 -10.43 12.14
CA VAL A 271 -0.64 -10.67 13.03
C VAL A 271 -0.17 -11.21 14.37
N LYS A 272 0.97 -11.91 14.40
CA LYS A 272 1.54 -12.39 15.65
C LYS A 272 2.09 -11.24 16.48
N LYS A 273 2.55 -10.17 15.83
CA LYS A 273 2.95 -9.01 16.63
C LYS A 273 1.79 -8.34 17.34
N GLY A 274 0.55 -8.71 17.05
CA GLY A 274 -0.59 -8.12 17.72
C GLY A 274 -0.94 -6.71 17.29
N VAL A 275 -0.85 -6.43 15.98
CA VAL A 275 -1.09 -5.08 15.46
C VAL A 275 -2.51 -4.89 14.93
N VAL A 276 -3.27 -5.97 14.77
CA VAL A 276 -4.59 -5.86 14.14
C VAL A 276 -5.51 -4.91 14.90
N PRO A 277 -5.61 -4.97 16.23
CA PRO A 277 -6.46 -3.99 16.94
C PRO A 277 -6.09 -2.55 16.64
N GLN A 278 -4.80 -2.22 16.66
CA GLN A 278 -4.38 -0.86 16.35
C GLN A 278 -4.70 -0.51 14.90
N LEU A 279 -4.60 -1.48 13.99
CA LEU A 279 -4.94 -1.22 12.60
C LEU A 279 -6.42 -0.90 12.45
N VAL A 280 -7.29 -1.60 13.21
CA VAL A 280 -8.71 -1.28 13.17
C VAL A 280 -8.96 0.13 13.73
N LYS A 281 -8.36 0.41 14.88
CA LYS A 281 -8.47 1.76 15.45
C LYS A 281 -8.11 2.82 14.42
N LEU A 282 -6.97 2.65 13.74
CA LEU A 282 -6.57 3.61 12.71
C LEU A 282 -7.53 3.58 11.53
N LEU A 283 -8.16 2.44 11.27
CA LEU A 283 -9.22 2.38 10.27
C LEU A 283 -10.32 3.35 10.61
N GLY A 284 -10.58 3.55 11.90
CA GLY A 284 -11.56 4.54 12.30
C GLY A 284 -11.10 5.99 12.26
N ALA A 285 -9.88 6.27 11.81
CA ALA A 285 -9.35 7.61 11.86
C ALA A 285 -10.15 8.56 10.98
N THR A 286 -10.04 9.86 11.28
CA THR A 286 -10.69 10.89 10.48
C THR A 286 -9.85 11.28 9.27
N GLU A 287 -8.56 10.96 9.26
CA GLU A 287 -7.65 11.35 8.20
C GLU A 287 -7.53 10.22 7.20
N LEU A 288 -7.94 10.48 5.97
CA LEU A 288 -7.76 9.51 4.90
C LEU A 288 -6.31 9.08 4.71
N PRO A 289 -5.30 9.93 4.88
CA PRO A 289 -3.91 9.45 4.82
C PRO A 289 -3.63 8.32 5.79
N ILE A 290 -4.45 8.15 6.83
CA ILE A 290 -4.25 7.11 7.82
C ILE A 290 -5.23 5.97 7.56
N VAL A 291 -6.44 6.30 7.08
CA VAL A 291 -7.45 5.27 6.85
C VAL A 291 -7.10 4.44 5.62
N THR A 292 -6.56 5.07 4.60
CA THR A 292 -6.22 4.35 3.36
C THR A 292 -5.20 3.25 3.60
N PRO A 293 -4.02 3.54 4.19
CA PRO A 293 -3.06 2.44 4.45
C PRO A 293 -3.59 1.39 5.41
N ALA A 294 -4.32 1.81 6.44
CA ALA A 294 -4.89 0.85 7.38
C ALA A 294 -5.86 -0.10 6.70
N LEU A 295 -6.70 0.43 5.81
CA LEU A 295 -7.64 -0.42 5.08
C LEU A 295 -6.89 -1.37 4.15
N ARG A 296 -5.83 -0.90 3.49
CA ARG A 296 -5.03 -1.80 2.67
C ARG A 296 -4.50 -2.96 3.51
N ALA A 297 -3.93 -2.65 4.67
CA ALA A 297 -3.36 -3.70 5.52
C ALA A 297 -4.42 -4.70 5.96
N ILE A 298 -5.60 -4.20 6.37
CA ILE A 298 -6.66 -5.10 6.82
C ILE A 298 -7.11 -6.01 5.68
N GLY A 299 -7.30 -5.44 4.48
CA GLY A 299 -7.67 -6.27 3.34
C GLY A 299 -6.64 -7.33 3.04
N ASN A 300 -5.36 -6.95 3.05
CA ASN A 300 -4.30 -7.94 2.85
C ASN A 300 -4.41 -9.06 3.87
N ILE A 301 -4.64 -8.70 5.14
CA ILE A 301 -4.71 -9.73 6.18
C ILE A 301 -5.88 -10.67 5.92
N VAL A 302 -7.02 -10.14 5.47
CA VAL A 302 -8.16 -11.00 5.23
C VAL A 302 -8.04 -11.81 3.95
N THR A 303 -7.04 -11.52 3.11
CA THR A 303 -6.73 -12.45 2.02
C THR A 303 -6.10 -13.75 2.51
N GLY A 304 -5.73 -13.83 3.79
CA GLY A 304 -5.06 -15.01 4.31
C GLY A 304 -5.99 -16.12 4.73
N THR A 305 -5.67 -16.77 5.85
CA THR A 305 -6.47 -17.88 6.36
C THR A 305 -7.71 -17.35 7.07
N ASP A 306 -8.66 -18.25 7.30
CA ASP A 306 -9.89 -17.88 8.00
C ASP A 306 -9.61 -17.44 9.43
N GLU A 307 -8.52 -17.91 10.02
CA GLU A 307 -8.20 -17.55 11.40
C GLU A 307 -7.60 -16.15 11.49
N GLN A 308 -6.78 -15.75 10.53
CA GLN A 308 -6.31 -14.37 10.47
C GLN A 308 -7.45 -13.41 10.19
N THR A 309 -8.34 -13.78 9.25
CA THR A 309 -9.57 -13.04 9.05
C THR A 309 -10.35 -12.91 10.35
N GLN A 310 -10.40 -14.00 11.14
CA GLN A 310 -11.11 -13.95 12.40
C GLN A 310 -10.44 -13.01 13.38
N LYS A 311 -9.11 -12.90 13.34
CA LYS A 311 -8.44 -11.88 14.15
C LYS A 311 -8.94 -10.50 13.79
N VAL A 312 -9.09 -10.22 12.49
CA VAL A 312 -9.62 -8.91 12.09
C VAL A 312 -11.03 -8.73 12.63
N ILE A 313 -11.89 -9.74 12.43
CA ILE A 313 -13.29 -9.62 12.86
C ILE A 313 -13.36 -9.38 14.37
N ASP A 314 -12.55 -10.10 15.13
CA ASP A 314 -12.58 -9.99 16.59
C ASP A 314 -12.16 -8.61 17.06
N ALA A 315 -11.25 -7.96 16.34
CA ALA A 315 -10.81 -6.62 16.72
C ALA A 315 -11.89 -5.57 16.54
N GLY A 316 -12.99 -5.93 15.89
CA GLY A 316 -14.10 -5.01 15.69
C GLY A 316 -14.10 -4.28 14.38
N ALA A 317 -13.48 -4.84 13.33
CA ALA A 317 -13.31 -4.09 12.08
C ALA A 317 -14.64 -3.86 11.38
N LEU A 318 -15.54 -4.85 11.43
CA LEU A 318 -16.79 -4.74 10.68
C LEU A 318 -17.58 -3.51 11.07
N ALA A 319 -17.55 -3.11 12.35
CA ALA A 319 -18.29 -1.95 12.80
C ALA A 319 -17.89 -0.68 12.05
N VAL A 320 -16.70 -0.66 11.44
CA VAL A 320 -16.24 0.52 10.71
C VAL A 320 -16.72 0.55 9.26
N PHE A 321 -17.26 -0.56 8.75
CA PHE A 321 -17.49 -0.68 7.32
C PHE A 321 -18.75 0.04 6.84
N PRO A 322 -19.74 0.32 7.70
CA PRO A 322 -20.84 1.19 7.25
C PRO A 322 -20.35 2.54 6.74
N SER A 323 -19.33 3.11 7.39
CA SER A 323 -18.73 4.34 6.90
C SER A 323 -17.88 4.08 5.67
N LEU A 324 -17.00 3.08 5.75
CA LEU A 324 -16.07 2.82 4.65
C LEU A 324 -16.81 2.48 3.36
N LEU A 325 -17.91 1.73 3.47
CA LEU A 325 -18.68 1.35 2.29
C LEU A 325 -19.59 2.46 1.80
N THR A 326 -19.69 3.56 2.56
CA THR A 326 -20.39 4.77 2.10
C THR A 326 -19.46 5.96 2.05
N ASN A 327 -18.14 5.70 2.03
CA ASN A 327 -17.16 6.77 2.12
C ASN A 327 -17.16 7.60 0.84
N PRO A 328 -17.05 8.93 0.95
CA PRO A 328 -17.05 9.76 -0.27
C PRO A 328 -15.91 9.47 -1.22
N LYS A 329 -14.80 8.90 -0.75
CA LYS A 329 -13.68 8.58 -1.63
C LYS A 329 -13.90 7.22 -2.29
N THR A 330 -13.75 7.20 -3.62
CA THR A 330 -13.99 5.98 -4.37
C THR A 330 -13.00 4.88 -3.97
N ASN A 331 -11.74 5.24 -3.70
CA ASN A 331 -10.74 4.23 -3.38
C ASN A 331 -11.07 3.53 -2.05
N ILE A 332 -11.45 4.30 -1.03
CA ILE A 332 -11.82 3.70 0.24
C ILE A 332 -12.97 2.72 0.04
N GLN A 333 -13.98 3.13 -0.73
CA GLN A 333 -15.14 2.27 -0.97
C GLN A 333 -14.75 1.01 -1.71
N LYS A 334 -13.92 1.13 -2.75
CA LYS A 334 -13.52 -0.02 -3.54
C LYS A 334 -12.72 -1.01 -2.70
N GLU A 335 -11.76 -0.50 -1.92
CA GLU A 335 -10.93 -1.39 -1.12
C GLU A 335 -11.71 -1.98 0.05
N ALA A 336 -12.71 -1.25 0.57
CA ALA A 336 -13.56 -1.82 1.61
C ALA A 336 -14.45 -2.91 1.05
N THR A 337 -14.95 -2.74 -0.18
CA THR A 337 -15.75 -3.79 -0.81
C THR A 337 -14.90 -5.00 -1.18
N TRP A 338 -13.63 -4.78 -1.52
CA TRP A 338 -12.73 -5.90 -1.77
C TRP A 338 -12.43 -6.67 -0.49
N THR A 339 -12.19 -5.94 0.61
CA THR A 339 -12.05 -6.58 1.92
C THR A 339 -13.31 -7.37 2.26
N MET A 340 -14.49 -6.79 2.01
CA MET A 340 -15.74 -7.50 2.28
C MET A 340 -15.84 -8.76 1.44
N SER A 341 -15.39 -8.71 0.17
CA SER A 341 -15.45 -9.89 -0.67
C SER A 341 -14.52 -10.98 -0.15
N ASN A 342 -13.38 -10.61 0.43
CA ASN A 342 -12.52 -11.62 1.02
C ASN A 342 -13.01 -12.09 2.38
N ILE A 343 -13.91 -11.36 3.02
CA ILE A 343 -14.52 -11.85 4.26
C ILE A 343 -15.69 -12.79 3.95
N THR A 344 -16.52 -12.44 2.97
CA THR A 344 -17.65 -13.29 2.62
C THR A 344 -17.21 -14.60 1.99
N ALA A 345 -15.95 -14.69 1.56
CA ALA A 345 -15.38 -15.94 1.06
C ALA A 345 -14.91 -16.85 2.20
N GLY A 346 -15.09 -16.44 3.44
CA GLY A 346 -14.66 -17.21 4.59
C GLY A 346 -15.70 -18.20 5.06
N ARG A 347 -15.68 -18.49 6.36
CA ARG A 347 -16.56 -19.48 6.93
C ARG A 347 -17.98 -18.91 7.07
N GLN A 348 -18.92 -19.82 7.37
CA GLN A 348 -20.32 -19.40 7.50
C GLN A 348 -20.55 -18.56 8.75
N ASP A 349 -19.79 -18.81 9.82
CA ASP A 349 -19.90 -17.95 11.01
C ASP A 349 -19.39 -16.55 10.72
N GLN A 350 -18.40 -16.41 9.84
CA GLN A 350 -17.91 -15.08 9.47
C GLN A 350 -18.89 -14.36 8.56
N ILE A 351 -19.51 -15.09 7.63
CA ILE A 351 -20.62 -14.51 6.87
C ILE A 351 -21.74 -14.10 7.82
N GLN A 352 -21.95 -14.89 8.88
CA GLN A 352 -22.98 -14.54 9.86
C GLN A 352 -22.60 -13.28 10.63
N GLN A 353 -21.31 -13.07 10.90
CA GLN A 353 -20.90 -11.83 11.55
C GLN A 353 -21.03 -10.64 10.59
N VAL A 354 -20.86 -10.88 9.29
CA VAL A 354 -21.16 -9.83 8.31
C VAL A 354 -22.65 -9.49 8.36
N VAL A 355 -23.50 -10.51 8.45
CA VAL A 355 -24.95 -10.27 8.48
C VAL A 355 -25.33 -9.55 9.76
N ASN A 356 -24.76 -9.97 10.90
CA ASN A 356 -25.15 -9.41 12.19
C ASN A 356 -24.78 -7.93 12.30
N HIS A 357 -23.70 -7.51 11.64
CA HIS A 357 -23.30 -6.12 11.66
C HIS A 357 -24.10 -5.25 10.69
N GLY A 358 -25.06 -5.84 9.98
CA GLY A 358 -25.91 -5.07 9.08
C GLY A 358 -25.24 -4.60 7.83
N LEU A 359 -24.25 -5.34 7.32
CA LEU A 359 -23.47 -4.91 6.18
C LEU A 359 -24.01 -5.41 4.84
N VAL A 360 -24.99 -6.30 4.85
CA VAL A 360 -25.58 -6.78 3.59
C VAL A 360 -26.32 -5.64 2.92
N PRO A 361 -27.10 -4.84 3.65
CA PRO A 361 -27.73 -3.66 3.02
C PRO A 361 -26.72 -2.71 2.39
N PHE A 362 -25.56 -2.53 3.03
CA PHE A 362 -24.55 -1.65 2.45
C PHE A 362 -23.94 -2.24 1.20
N LEU A 363 -23.80 -3.57 1.14
CA LEU A 363 -23.33 -4.19 -0.09
C LEU A 363 -24.37 -4.04 -1.21
N VAL A 364 -25.65 -4.20 -0.88
CA VAL A 364 -26.70 -3.91 -1.84
C VAL A 364 -26.58 -2.48 -2.33
N GLY A 365 -26.32 -1.54 -1.42
CA GLY A 365 -26.17 -0.15 -1.81
C GLY A 365 -25.03 0.06 -2.79
N VAL A 366 -23.86 -0.51 -2.48
CA VAL A 366 -22.71 -0.37 -3.37
C VAL A 366 -23.03 -0.98 -4.73
N LEU A 367 -23.71 -2.13 -4.74
CA LEU A 367 -24.10 -2.76 -5.99
C LEU A 367 -25.13 -1.93 -6.75
N SER A 368 -25.84 -1.04 -6.07
CA SER A 368 -26.86 -0.22 -6.72
C SER A 368 -26.31 1.08 -7.29
N LYS A 369 -25.43 1.77 -6.54
CA LYS A 369 -24.85 3.03 -7.00
C LYS A 369 -23.43 3.12 -6.47
N ALA A 370 -22.46 3.11 -7.39
CA ALA A 370 -21.05 3.21 -7.04
C ALA A 370 -20.26 3.21 -8.34
N ASP A 371 -18.96 3.51 -8.23
CA ASP A 371 -18.07 3.35 -9.37
C ASP A 371 -18.05 1.90 -9.80
N PHE A 372 -17.92 1.68 -11.12
CA PHE A 372 -18.05 0.33 -11.66
C PHE A 372 -17.06 -0.64 -11.05
N LYS A 373 -15.85 -0.17 -10.71
CA LYS A 373 -14.86 -1.06 -10.11
C LYS A 373 -15.30 -1.48 -8.71
N THR A 374 -15.84 -0.54 -7.94
CA THR A 374 -16.43 -0.88 -6.65
C THR A 374 -17.61 -1.83 -6.82
N GLN A 375 -18.41 -1.63 -7.87
CA GLN A 375 -19.55 -2.51 -8.13
C GLN A 375 -19.10 -3.92 -8.49
N LYS A 376 -17.97 -4.05 -9.20
CA LYS A 376 -17.44 -5.36 -9.53
C LYS A 376 -16.93 -6.07 -8.28
N GLU A 377 -16.23 -5.33 -7.41
CA GLU A 377 -15.81 -5.92 -6.14
C GLU A 377 -17.03 -6.38 -5.33
N ALA A 378 -18.13 -5.61 -5.41
CA ALA A 378 -19.35 -6.01 -4.71
C ALA A 378 -19.94 -7.29 -5.30
N ALA A 379 -19.95 -7.39 -6.63
CA ALA A 379 -20.39 -8.63 -7.27
C ALA A 379 -19.56 -9.82 -6.80
N TRP A 380 -18.25 -9.63 -6.68
CA TRP A 380 -17.39 -10.69 -6.17
C TRP A 380 -17.79 -11.08 -4.74
N ALA A 381 -18.01 -10.07 -3.90
CA ALA A 381 -18.44 -10.34 -2.53
C ALA A 381 -19.73 -11.16 -2.52
N ILE A 382 -20.68 -10.81 -3.39
CA ILE A 382 -21.96 -11.50 -3.41
C ILE A 382 -21.79 -12.95 -3.86
N THR A 383 -20.97 -13.17 -4.89
CA THR A 383 -20.79 -14.54 -5.37
C THR A 383 -20.09 -15.40 -4.32
N ASN A 384 -19.13 -14.83 -3.58
CA ASN A 384 -18.50 -15.59 -2.50
C ASN A 384 -19.50 -15.90 -1.40
N TYR A 385 -20.28 -14.89 -0.99
CA TYR A 385 -21.33 -15.08 0.01
C TYR A 385 -22.27 -16.21 -0.38
N THR A 386 -22.76 -16.18 -1.62
CA THR A 386 -23.69 -17.21 -2.06
C THR A 386 -23.01 -18.57 -2.19
N SER A 387 -21.72 -18.59 -2.53
CA SER A 387 -21.03 -19.86 -2.70
C SER A 387 -20.78 -20.56 -1.37
N GLY A 388 -20.52 -19.79 -0.31
CA GLY A 388 -20.18 -20.40 0.96
C GLY A 388 -21.23 -20.26 2.04
N GLY A 389 -22.35 -19.60 1.74
CA GLY A 389 -23.35 -19.32 2.75
C GLY A 389 -24.40 -20.41 2.90
N THR A 390 -25.12 -20.35 4.01
CA THR A 390 -26.24 -21.24 4.24
C THR A 390 -27.42 -20.82 3.36
N VAL A 391 -28.51 -21.59 3.44
CA VAL A 391 -29.72 -21.19 2.74
C VAL A 391 -30.36 -19.99 3.42
N GLU A 392 -30.28 -19.93 4.76
CA GLU A 392 -30.85 -18.80 5.48
C GLU A 392 -30.17 -17.51 5.09
N GLN A 393 -28.83 -17.54 4.94
CA GLN A 393 -28.08 -16.35 4.61
C GLN A 393 -28.38 -15.88 3.19
N ILE A 394 -28.50 -16.82 2.25
CA ILE A 394 -28.83 -16.44 0.87
C ILE A 394 -30.25 -15.89 0.80
N VAL A 395 -31.17 -16.47 1.57
CA VAL A 395 -32.52 -15.94 1.63
C VAL A 395 -32.51 -14.52 2.17
N TYR A 396 -31.74 -14.28 3.24
CA TYR A 396 -31.60 -12.93 3.76
C TYR A 396 -31.05 -11.99 2.71
N LEU A 397 -30.05 -12.44 1.94
CA LEU A 397 -29.50 -11.63 0.87
C LEU A 397 -30.59 -11.22 -0.12
N VAL A 398 -31.44 -12.17 -0.51
CA VAL A 398 -32.52 -11.83 -1.45
C VAL A 398 -33.50 -10.87 -0.80
N HIS A 399 -33.82 -11.08 0.48
CA HIS A 399 -34.75 -10.21 1.18
C HIS A 399 -34.22 -8.79 1.31
N CYS A 400 -32.90 -8.61 1.27
CA CYS A 400 -32.33 -7.28 1.38
C CYS A 400 -32.35 -6.50 0.06
N GLY A 401 -32.69 -7.15 -1.04
CA GLY A 401 -32.85 -6.48 -2.31
C GLY A 401 -31.72 -6.65 -3.29
N ILE A 402 -31.07 -7.82 -3.30
CA ILE A 402 -29.88 -8.00 -4.13
C ILE A 402 -30.25 -8.19 -5.60
N ILE A 403 -31.44 -8.72 -5.88
CA ILE A 403 -31.75 -9.24 -7.21
C ILE A 403 -31.75 -8.14 -8.25
N GLU A 404 -32.46 -7.04 -7.99
CA GLU A 404 -32.58 -6.00 -9.00
C GLU A 404 -31.24 -5.37 -9.34
N PRO A 405 -30.43 -4.91 -8.38
CA PRO A 405 -29.12 -4.37 -8.75
C PRO A 405 -28.22 -5.39 -9.41
N LEU A 406 -28.24 -6.64 -8.93
CA LEU A 406 -27.45 -7.68 -9.58
C LEU A 406 -27.85 -7.83 -11.04
N MET A 407 -29.15 -7.77 -11.33
CA MET A 407 -29.63 -7.83 -12.71
C MET A 407 -29.13 -6.64 -13.50
N ASN A 408 -29.31 -5.44 -12.96
CA ASN A 408 -28.93 -4.23 -13.68
C ASN A 408 -27.45 -4.25 -14.02
N LEU A 409 -26.64 -4.98 -13.24
CA LEU A 409 -25.22 -5.07 -13.56
C LEU A 409 -24.92 -6.09 -14.65
N LEU A 410 -25.90 -6.87 -15.11
CA LEU A 410 -25.68 -7.77 -16.23
C LEU A 410 -25.76 -7.05 -17.57
N SER A 411 -26.01 -5.75 -17.57
CA SER A 411 -25.98 -4.93 -18.77
C SER A 411 -24.62 -4.30 -19.00
N ALA A 412 -23.59 -4.75 -18.28
CA ALA A 412 -22.26 -4.19 -18.36
C ALA A 412 -21.46 -4.82 -19.50
N LYS A 413 -20.32 -4.21 -19.81
CA LYS A 413 -19.46 -4.64 -20.91
C LYS A 413 -18.20 -5.33 -20.42
N ASP A 414 -18.28 -6.00 -19.28
CA ASP A 414 -17.16 -6.75 -18.72
C ASP A 414 -17.58 -8.21 -18.59
N THR A 415 -16.82 -9.11 -19.21
CA THR A 415 -17.19 -10.52 -19.21
C THR A 415 -17.12 -11.10 -17.79
N LYS A 416 -16.11 -10.70 -17.02
CA LYS A 416 -15.90 -11.33 -15.72
C LYS A 416 -17.04 -11.00 -14.75
N ILE A 417 -17.49 -9.74 -14.73
CA ILE A 417 -18.62 -9.41 -13.85
C ILE A 417 -19.85 -10.20 -14.26
N ILE A 418 -20.01 -10.44 -15.56
CA ILE A 418 -21.16 -11.21 -16.03
C ILE A 418 -21.08 -12.64 -15.50
N GLN A 419 -19.91 -13.27 -15.65
CA GLN A 419 -19.74 -14.63 -15.12
C GLN A 419 -20.01 -14.66 -13.63
N VAL A 420 -19.42 -13.71 -12.90
CA VAL A 420 -19.55 -13.68 -11.44
C VAL A 420 -21.02 -13.55 -11.05
N ILE A 421 -21.75 -12.65 -11.72
CA ILE A 421 -23.16 -12.45 -11.40
C ILE A 421 -23.97 -13.71 -11.70
N LEU A 422 -23.72 -14.32 -12.87
CA LEU A 422 -24.48 -15.51 -13.23
C LEU A 422 -24.20 -16.67 -12.27
N ASP A 423 -22.98 -16.76 -11.75
CA ASP A 423 -22.69 -17.78 -10.76
C ASP A 423 -23.42 -17.48 -9.45
N ALA A 424 -23.44 -16.21 -9.04
CA ALA A 424 -24.25 -15.84 -7.89
C ALA A 424 -25.71 -16.25 -8.10
N ILE A 425 -26.21 -16.07 -9.31
CA ILE A 425 -27.59 -16.45 -9.63
C ILE A 425 -27.75 -17.95 -9.45
N SER A 426 -26.86 -18.73 -10.05
CA SER A 426 -26.96 -20.18 -9.95
C SER A 426 -26.97 -20.60 -8.48
N ASN A 427 -26.17 -19.94 -7.65
CA ASN A 427 -26.14 -20.29 -6.23
C ASN A 427 -27.45 -19.95 -5.53
N ILE A 428 -28.00 -18.76 -5.81
CA ILE A 428 -29.27 -18.37 -5.20
C ILE A 428 -30.38 -19.32 -5.65
N PHE A 429 -30.36 -19.72 -6.92
CA PHE A 429 -31.34 -20.66 -7.43
C PHE A 429 -31.20 -22.02 -6.76
N GLN A 430 -29.96 -22.48 -6.58
CA GLN A 430 -29.71 -23.74 -5.90
C GLN A 430 -30.25 -23.71 -4.48
N ALA A 431 -30.09 -22.58 -3.79
CA ALA A 431 -30.69 -22.43 -2.47
C ALA A 431 -32.21 -22.40 -2.54
N ALA A 432 -32.76 -21.87 -3.64
CA ALA A 432 -34.21 -21.86 -3.80
C ALA A 432 -34.76 -23.27 -3.96
N GLU A 433 -34.03 -24.14 -4.65
CA GLU A 433 -34.52 -25.49 -4.86
C GLU A 433 -34.60 -26.27 -3.55
N LYS A 434 -33.71 -25.99 -2.60
CA LYS A 434 -33.79 -26.63 -1.29
C LYS A 434 -35.07 -26.26 -0.56
N LEU A 435 -35.67 -25.12 -0.89
CA LEU A 435 -36.91 -24.67 -0.29
C LEU A 435 -38.11 -24.79 -1.21
N GLY A 436 -37.91 -25.18 -2.47
CA GLY A 436 -39.01 -25.28 -3.40
C GLY A 436 -39.61 -23.95 -3.80
N GLU A 437 -38.81 -22.88 -3.80
CA GLU A 437 -39.29 -21.54 -4.12
C GLU A 437 -38.65 -21.00 -5.39
N THR A 438 -38.14 -21.88 -6.26
CA THR A 438 -37.45 -21.42 -7.46
C THR A 438 -38.36 -20.58 -8.35
N GLU A 439 -39.66 -20.87 -8.33
CA GLU A 439 -40.59 -20.11 -9.16
C GLU A 439 -40.73 -18.66 -8.67
N LYS A 440 -40.79 -18.47 -7.35
CA LYS A 440 -40.82 -17.11 -6.80
C LYS A 440 -39.63 -16.32 -7.29
N LEU A 441 -38.44 -16.91 -7.22
CA LEU A 441 -37.23 -16.19 -7.64
C LEU A 441 -37.25 -15.93 -9.14
N SER A 442 -37.74 -16.88 -9.94
CA SER A 442 -37.84 -16.64 -11.38
C SER A 442 -38.76 -15.46 -11.67
N ILE A 443 -39.91 -15.41 -11.01
CA ILE A 443 -40.83 -14.29 -11.20
C ILE A 443 -40.16 -12.99 -10.79
N MET A 444 -39.41 -13.01 -9.70
CA MET A 444 -38.74 -11.79 -9.24
C MET A 444 -37.69 -11.33 -10.24
N ILE A 445 -36.93 -12.27 -10.80
CA ILE A 445 -35.94 -11.94 -11.83
C ILE A 445 -36.62 -11.48 -13.11
N GLU A 446 -37.89 -11.85 -13.31
CA GLU A 446 -38.64 -11.40 -14.48
C GLU A 446 -39.22 -9.99 -14.27
N GLU A 447 -39.63 -9.66 -13.03
CA GLU A 447 -40.25 -8.37 -12.78
C GLU A 447 -39.22 -7.24 -12.78
N CYS A 448 -37.98 -7.53 -12.43
CA CYS A 448 -36.91 -6.54 -12.48
C CYS A 448 -36.33 -6.37 -13.87
N GLY A 449 -36.77 -7.15 -14.85
CA GLY A 449 -36.24 -7.06 -16.19
C GLY A 449 -34.94 -7.80 -16.39
N GLY A 450 -34.72 -8.89 -15.67
CA GLY A 450 -33.47 -9.62 -15.74
C GLY A 450 -33.48 -10.76 -16.74
N LEU A 451 -34.64 -11.40 -16.91
CA LEU A 451 -34.75 -12.48 -17.89
C LEU A 451 -34.41 -11.98 -19.28
N ASP A 452 -34.79 -10.75 -19.61
CA ASP A 452 -34.41 -10.18 -20.89
C ASP A 452 -32.89 -10.13 -21.03
N LYS A 453 -32.19 -9.74 -19.95
CA LYS A 453 -30.74 -9.64 -20.01
C LYS A 453 -30.10 -11.02 -20.11
N ILE A 454 -30.57 -11.99 -19.33
CA ILE A 454 -30.03 -13.34 -19.41
C ILE A 454 -30.32 -13.93 -20.79
N GLU A 455 -31.48 -13.63 -21.35
CA GLU A 455 -31.86 -14.12 -22.68
C GLU A 455 -30.94 -13.53 -23.74
N ALA A 456 -30.64 -12.23 -23.65
CA ALA A 456 -29.66 -11.64 -24.56
C ALA A 456 -28.27 -12.20 -24.33
N LEU A 457 -27.98 -12.62 -23.10
CA LEU A 457 -26.69 -13.25 -22.80
C LEU A 457 -26.61 -14.67 -23.36
N GLN A 458 -27.76 -15.29 -23.65
CA GLN A 458 -27.76 -16.58 -24.34
C GLN A 458 -26.91 -16.52 -25.60
N ARG A 459 -26.79 -15.35 -26.22
CA ARG A 459 -25.97 -15.13 -27.41
C ARG A 459 -24.84 -14.18 -27.01
N HIS A 460 -23.79 -14.75 -26.41
CA HIS A 460 -22.65 -13.98 -25.96
C HIS A 460 -21.36 -14.63 -26.44
N GLU A 461 -20.37 -13.79 -26.75
CA GLU A 461 -19.12 -14.29 -27.31
C GLU A 461 -18.48 -15.34 -26.41
N ASN A 462 -18.17 -14.97 -25.17
CA ASN A 462 -17.54 -15.91 -24.25
C ASN A 462 -18.42 -17.15 -24.09
N GLU A 463 -17.76 -18.31 -24.03
CA GLU A 463 -18.49 -19.58 -23.95
C GLU A 463 -19.20 -19.73 -22.61
N SER A 464 -18.47 -19.51 -21.52
CA SER A 464 -19.05 -19.71 -20.19
C SER A 464 -20.31 -18.85 -20.02
N VAL A 465 -20.30 -17.63 -20.56
CA VAL A 465 -21.45 -16.74 -20.40
C VAL A 465 -22.70 -17.39 -21.00
N TYR A 466 -22.63 -17.78 -22.28
CA TYR A 466 -23.84 -18.30 -22.91
C TYR A 466 -24.21 -19.67 -22.34
N LYS A 467 -23.22 -20.49 -21.96
CA LYS A 467 -23.56 -21.77 -21.34
C LYS A 467 -24.31 -21.56 -20.03
N ALA A 468 -23.82 -20.67 -19.17
CA ALA A 468 -24.50 -20.40 -17.91
C ALA A 468 -25.88 -19.83 -18.14
N SER A 469 -25.99 -18.86 -19.07
CA SER A 469 -27.29 -18.24 -19.32
C SER A 469 -28.28 -19.25 -19.89
N LEU A 470 -27.81 -20.19 -20.72
CA LEU A 470 -28.71 -21.20 -21.26
C LEU A 470 -29.13 -22.17 -20.17
N ASN A 471 -28.20 -22.60 -19.33
CA ASN A 471 -28.55 -23.47 -18.22
C ASN A 471 -29.61 -22.82 -17.33
N LEU A 472 -29.49 -21.51 -17.10
CA LEU A 472 -30.46 -20.82 -16.25
C LEU A 472 -31.80 -20.65 -16.99
N ILE A 473 -31.75 -20.22 -18.24
CA ILE A 473 -32.96 -19.99 -19.03
C ILE A 473 -33.76 -21.27 -19.19
N GLU A 474 -33.08 -22.42 -19.22
CA GLU A 474 -33.73 -23.70 -19.44
C GLU A 474 -34.11 -24.41 -18.15
N LYS A 475 -33.24 -24.34 -17.14
CA LYS A 475 -33.45 -25.06 -15.90
C LYS A 475 -34.47 -24.38 -14.99
N TYR A 476 -34.50 -23.05 -15.00
CA TYR A 476 -35.34 -22.28 -14.09
C TYR A 476 -36.38 -21.44 -14.81
N PHE A 477 -36.13 -21.02 -16.04
CA PHE A 477 -37.05 -20.16 -16.76
C PHE A 477 -37.64 -20.87 -17.98
N PRO B 1 -0.26 5.49 -1.54
CA PRO B 1 1.07 5.01 -1.20
C PRO B 1 2.13 6.12 -1.24
N PRO B 2 3.00 6.18 -0.24
CA PRO B 2 3.99 7.27 -0.19
C PRO B 2 4.93 7.19 -1.37
N LYS B 3 5.50 8.35 -1.71
CA LYS B 3 6.42 8.41 -2.84
C LYS B 3 7.66 7.57 -2.54
N PRO B 4 8.11 6.74 -3.48
CA PRO B 4 9.31 5.94 -3.21
C PRO B 4 10.57 6.78 -3.05
N LYS B 5 10.68 7.87 -3.80
CA LYS B 5 11.85 8.75 -3.74
C LYS B 5 11.39 10.18 -3.48
N LYS B 6 12.24 10.95 -2.79
CA LYS B 6 11.91 12.32 -2.43
C LYS B 6 13.12 13.21 -2.66
N ASN B 7 12.90 14.31 -3.36
CA ASN B 7 13.88 15.38 -3.48
C ASN B 7 13.77 16.30 -2.27
N ARG B 8 14.92 16.74 -1.75
CA ARG B 8 14.94 17.77 -0.71
C ARG B 8 15.11 19.13 -1.39
N GLU B 9 14.05 19.93 -1.36
CA GLU B 9 14.03 21.20 -2.08
C GLU B 9 14.79 22.27 -1.30
#